data_6R8J
#
_entry.id   6R8J
#
_cell.length_a   68.543
_cell.length_b   68.543
_cell.length_c   285.080
_cell.angle_alpha   90.00
_cell.angle_beta   90.00
_cell.angle_gamma   120.00
#
_symmetry.space_group_name_H-M   'P 65 2 2'
#
loop_
_entity.id
_entity.type
_entity.pdbx_description
1 polymer 'Dual specificity protein kinase CLK1'
2 non-polymer 4-(1-methylindol-3-yl)pyrimidin-2-amine
3 water water
#
_entity_poly.entity_id   1
_entity_poly.type   'polypeptide(L)'
_entity_poly.pdbx_seq_one_letter_code
;HLICQSGDVLSARYEIVDTLGEGAFGKVVECIDHKAGGRHVAVKIVKNVDRYCEAARSEIQVLEHLNTTDPNSTFRCVQM
LEWFEHHGHICIVFELLGLSTYDFIKENGFLPFRLDHIRKMAYQICKSVNFLHSNKLTHTDLKPENILFVQSDYTEAYNP
KIKRDERTLINPDIKVVDFGSATYDDEHHSTLVSTRHYRAPEVILALGWSQPCDVWSIGCILIEYYLGFTVFPTHDSKEH
LAMMERILGPLPKHMIQKTRKRKYFHHDRLDWDEHSSAGRYVSRRCKPLKEFMLSQDVEHERLFDLIQKMLEYDPAKRIT
LREALKHPFFDLLKKSI
;
_entity_poly.pdbx_strand_id   A
#
# COMPACT_ATOMS: atom_id res chain seq x y z
N GLN A 5 14.80 -3.78 -23.11
CA GLN A 5 15.30 -2.39 -23.35
C GLN A 5 16.60 -2.05 -22.58
N SER A 6 17.16 -2.96 -21.77
CA SER A 6 18.53 -2.76 -21.17
C SER A 6 19.54 -2.36 -22.24
N GLY A 7 20.36 -1.34 -21.92
CA GLY A 7 21.26 -0.70 -22.91
C GLY A 7 20.69 0.56 -23.60
N ASP A 8 19.37 0.69 -23.66
CA ASP A 8 18.77 1.93 -24.25
C ASP A 8 19.10 3.19 -23.41
N VAL A 9 19.04 4.34 -24.06
CA VAL A 9 19.52 5.58 -23.45
C VAL A 9 18.51 6.71 -23.64
N LEU A 10 18.13 7.34 -22.53
CA LEU A 10 17.01 8.28 -22.48
C LEU A 10 17.56 9.68 -22.29
N SER A 11 17.01 10.64 -23.05
CA SER A 11 17.34 12.06 -22.88
C SER A 11 18.88 12.25 -22.89
N ALA A 12 19.54 11.44 -23.73
CA ALA A 12 21.01 11.40 -23.91
C ALA A 12 21.86 11.31 -22.65
N ARG A 13 21.33 10.80 -21.53
CA ARG A 13 22.17 10.64 -20.34
C ARG A 13 21.90 9.43 -19.45
N TYR A 14 20.70 8.90 -19.49
CA TYR A 14 20.30 7.82 -18.59
C TYR A 14 20.35 6.51 -19.32
N GLU A 15 21.34 5.71 -18.99
CA GLU A 15 21.45 4.35 -19.53
C GLU A 15 20.83 3.32 -18.63
N ILE A 16 19.88 2.57 -19.19
CA ILE A 16 19.16 1.53 -18.50
C ILE A 16 20.13 0.39 -18.23
N VAL A 17 20.16 -0.04 -16.97
CA VAL A 17 20.95 -1.19 -16.56
C VAL A 17 20.16 -2.32 -15.88
N ASP A 18 18.91 -2.10 -15.46
CA ASP A 18 18.13 -3.11 -14.81
C ASP A 18 16.62 -2.73 -14.79
N THR A 19 15.76 -3.72 -14.62
CA THR A 19 14.31 -3.50 -14.38
C THR A 19 13.95 -3.73 -12.92
N LEU A 20 13.52 -2.65 -12.28
CA LEU A 20 13.28 -2.65 -10.85
C LEU A 20 11.87 -3.10 -10.54
N GLY A 21 10.95 -2.85 -11.44
CA GLY A 21 9.56 -3.17 -11.21
C GLY A 21 8.78 -2.95 -12.48
N GLU A 22 7.55 -3.44 -12.46
CA GLU A 22 6.66 -3.51 -13.63
C GLU A 22 5.23 -3.37 -13.08
N GLY A 23 4.31 -2.97 -13.94
CA GLY A 23 2.96 -2.57 -13.50
C GLY A 23 2.09 -2.28 -14.70
N ALA A 24 0.80 -2.06 -14.44
CA ALA A 24 -0.12 -1.60 -15.49
C ALA A 24 0.48 -0.50 -16.38
N PHE A 25 1.10 0.49 -15.72
CA PHE A 25 1.69 1.69 -16.35
C PHE A 25 2.83 1.51 -17.34
N GLY A 26 3.61 0.44 -17.18
CA GLY A 26 4.89 0.30 -17.89
C GLY A 26 5.90 -0.26 -16.91
N LYS A 27 7.11 0.30 -16.89
CA LYS A 27 8.13 -0.18 -15.95
C LYS A 27 8.92 0.93 -15.24
N VAL A 28 9.57 0.51 -14.15
CA VAL A 28 10.55 1.31 -13.49
C VAL A 28 11.90 0.62 -13.69
N VAL A 29 12.89 1.41 -14.09
CA VAL A 29 14.21 0.87 -14.41
C VAL A 29 15.24 1.62 -13.63
N GLU A 30 16.36 0.96 -13.41
CA GLU A 30 17.55 1.57 -12.79
C GLU A 30 18.40 2.05 -13.96
N CYS A 31 18.84 3.30 -13.92
CA CYS A 31 19.77 3.81 -14.92
C CYS A 31 21.05 4.34 -14.35
N ILE A 32 22.13 4.23 -15.13
CA ILE A 32 23.33 5.02 -14.90
C ILE A 32 23.09 6.41 -15.48
N ASP A 33 23.49 7.42 -14.71
CA ASP A 33 23.46 8.82 -15.17
C ASP A 33 24.84 9.25 -15.64
N HIS A 34 25.01 9.23 -16.95
CA HIS A 34 26.29 9.54 -17.61
C HIS A 34 26.69 10.99 -17.47
N LYS A 35 25.72 11.87 -17.16
CA LYS A 35 26.09 13.25 -16.86
C LYS A 35 26.33 13.59 -15.40
N ALA A 36 26.03 12.68 -14.46
CA ALA A 36 26.37 12.88 -13.04
C ALA A 36 27.19 11.71 -12.41
N GLY A 37 28.35 11.52 -13.01
CA GLY A 37 29.44 10.74 -12.40
C GLY A 37 29.20 9.25 -12.37
N GLY A 38 28.25 8.80 -13.21
CA GLY A 38 27.82 7.41 -13.26
C GLY A 38 26.91 6.94 -12.14
N ARG A 39 26.49 7.81 -11.20
CA ARG A 39 25.69 7.38 -10.02
C ARG A 39 24.26 6.98 -10.48
N HIS A 40 23.53 6.18 -9.68
CA HIS A 40 22.34 5.52 -10.24
C HIS A 40 21.03 6.17 -9.80
N VAL A 41 20.07 6.15 -10.71
CA VAL A 41 18.73 6.66 -10.48
C VAL A 41 17.68 5.65 -10.89
N ALA A 42 16.43 5.93 -10.49
CA ALA A 42 15.29 5.16 -10.96
C ALA A 42 14.54 5.97 -11.97
N VAL A 43 13.98 5.31 -12.97
CA VAL A 43 13.22 6.00 -13.97
C VAL A 43 11.95 5.24 -14.24
N LYS A 44 10.83 5.93 -14.18
CA LYS A 44 9.60 5.32 -14.48
C LYS A 44 9.35 5.64 -15.94
N ILE A 45 9.19 4.59 -16.78
CA ILE A 45 8.91 4.78 -18.20
C ILE A 45 7.48 4.32 -18.47
N VAL A 46 6.66 5.26 -18.90
CA VAL A 46 5.24 4.98 -19.00
C VAL A 46 4.90 4.56 -20.42
N LYS A 47 4.02 3.55 -20.55
CA LYS A 47 3.56 3.10 -21.89
C LYS A 47 3.01 4.27 -22.70
N ASN A 48 3.21 4.26 -24.02
CA ASN A 48 2.62 5.32 -24.86
C ASN A 48 1.12 5.02 -25.20
N VAL A 49 0.29 5.11 -24.18
CA VAL A 49 -1.12 4.76 -24.20
C VAL A 49 -1.80 5.85 -23.39
N ASP A 50 -2.98 6.29 -23.83
CA ASP A 50 -3.58 7.53 -23.29
C ASP A 50 -3.76 7.49 -21.80
N ARG A 51 -4.37 6.41 -21.31
CA ARG A 51 -4.73 6.37 -19.89
C ARG A 51 -3.49 6.46 -19.01
N TYR A 52 -2.38 5.89 -19.49
CA TYR A 52 -1.15 5.91 -18.70
C TYR A 52 -0.40 7.22 -18.86
N CYS A 53 -0.34 7.78 -20.07
CA CYS A 53 0.12 9.15 -20.26
C CYS A 53 -0.56 10.11 -19.28
N GLU A 54 -1.89 10.06 -19.22
CA GLU A 54 -2.67 11.03 -18.39
C GLU A 54 -2.42 10.85 -16.88
N ALA A 55 -2.37 9.60 -16.44
CA ALA A 55 -1.95 9.30 -15.05
C ALA A 55 -0.54 9.82 -14.75
N ALA A 56 0.41 9.59 -15.67
CA ALA A 56 1.76 10.09 -15.49
C ALA A 56 1.83 11.60 -15.39
N ARG A 57 1.10 12.32 -16.25
CA ARG A 57 1.08 13.79 -16.14
C ARG A 57 0.50 14.20 -14.79
N SER A 58 -0.54 13.52 -14.37
CA SER A 58 -1.16 13.74 -13.04
C SER A 58 -0.19 13.52 -11.92
N GLU A 59 0.57 12.41 -12.02
CA GLU A 59 1.64 12.09 -11.06
C GLU A 59 2.66 13.20 -11.00
N ILE A 60 3.08 13.71 -12.16
CA ILE A 60 4.03 14.80 -12.21
C ILE A 60 3.51 16.03 -11.49
N GLN A 61 2.24 16.37 -11.69
CA GLN A 61 1.67 17.53 -11.05
C GLN A 61 1.62 17.33 -9.51
N VAL A 62 1.22 16.14 -9.05
CA VAL A 62 1.26 15.83 -7.62
C VAL A 62 2.68 15.94 -7.07
N LEU A 63 3.63 15.31 -7.75
CA LEU A 63 5.02 15.30 -7.30
C LEU A 63 5.62 16.71 -7.22
N GLU A 64 5.34 17.57 -8.24
CA GLU A 64 5.75 18.97 -8.21
C GLU A 64 5.17 19.66 -6.98
N HIS A 65 3.90 19.41 -6.69
CA HIS A 65 3.24 20.03 -5.49
C HIS A 65 3.94 19.53 -4.24
N LEU A 66 4.12 18.21 -4.14
CA LEU A 66 4.73 17.64 -2.93
C LEU A 66 6.16 18.04 -2.73
N ASN A 67 6.96 18.02 -3.80
CA ASN A 67 8.35 18.49 -3.75
C ASN A 67 8.48 19.97 -3.36
N THR A 68 7.56 20.83 -3.82
CA THR A 68 7.59 22.25 -3.46
C THR A 68 7.21 22.45 -2.01
N THR A 69 6.22 21.71 -1.54
CA THR A 69 5.79 21.82 -0.13
C THR A 69 6.78 21.21 0.86
N ASP A 70 7.38 20.08 0.47
CA ASP A 70 8.29 19.29 1.35
C ASP A 70 9.58 18.93 0.58
N PRO A 71 10.45 19.90 0.35
CA PRO A 71 11.55 19.63 -0.58
C PRO A 71 12.55 18.63 -0.05
N ASN A 72 12.58 18.41 1.27
CA ASN A 72 13.48 17.46 1.90
C ASN A 72 12.86 16.11 2.15
N SER A 73 11.61 15.93 1.72
CA SER A 73 10.92 14.66 1.91
C SER A 73 10.90 14.29 3.42
N THR A 74 10.62 15.30 4.27
CA THR A 74 10.32 15.05 5.64
C THR A 74 9.19 14.05 5.84
N PHE A 75 8.20 14.12 4.96
CA PHE A 75 7.06 13.25 4.97
C PHE A 75 7.15 12.03 4.02
N ARG A 76 8.35 11.72 3.59
CA ARG A 76 8.67 10.43 3.05
C ARG A 76 7.96 10.06 1.75
N CYS A 77 7.49 11.05 0.97
CA CYS A 77 7.09 10.81 -0.43
C CYS A 77 8.34 10.73 -1.31
N VAL A 78 8.39 9.79 -2.24
CA VAL A 78 9.54 9.68 -3.18
C VAL A 78 9.78 11.02 -3.91
N GLN A 79 11.05 11.36 -4.04
CA GLN A 79 11.46 12.59 -4.66
C GLN A 79 11.62 12.40 -6.16
N MET A 80 10.92 13.20 -6.94
CA MET A 80 11.14 13.32 -8.40
C MET A 80 12.27 14.28 -8.63
N LEU A 81 13.23 13.87 -9.46
CA LEU A 81 14.38 14.70 -9.74
C LEU A 81 14.20 15.56 -10.98
N GLU A 82 13.55 14.99 -11.99
CA GLU A 82 13.15 15.65 -13.24
C GLU A 82 12.21 14.74 -14.01
N TRP A 83 11.67 15.23 -15.13
CA TRP A 83 10.85 14.41 -16.01
C TRP A 83 11.02 14.86 -17.45
N PHE A 84 10.76 13.97 -18.39
CA PHE A 84 10.88 14.28 -19.82
C PHE A 84 10.14 13.26 -20.68
N GLU A 85 10.06 13.52 -21.99
CA GLU A 85 9.47 12.60 -22.99
C GLU A 85 10.55 11.97 -23.88
N HIS A 86 10.36 10.71 -24.25
CA HIS A 86 11.37 9.94 -25.01
C HIS A 86 10.68 8.85 -25.85
N HIS A 87 10.61 9.03 -27.18
CA HIS A 87 9.83 8.17 -28.11
C HIS A 87 8.35 8.12 -27.70
N GLY A 88 7.80 9.28 -27.33
CA GLY A 88 6.43 9.42 -26.81
C GLY A 88 6.07 8.67 -25.51
N HIS A 89 7.07 8.19 -24.77
CA HIS A 89 6.84 7.67 -23.42
C HIS A 89 7.19 8.78 -22.44
N ILE A 90 6.34 9.05 -21.44
CA ILE A 90 6.73 9.98 -20.37
C ILE A 90 7.67 9.27 -19.41
N CYS A 91 8.80 9.87 -19.14
CA CYS A 91 9.80 9.33 -18.22
C CYS A 91 9.97 10.23 -16.98
N ILE A 92 9.82 9.63 -15.77
CA ILE A 92 9.98 10.36 -14.51
C ILE A 92 11.17 9.81 -13.79
N VAL A 93 12.18 10.66 -13.49
CA VAL A 93 13.38 10.27 -12.82
C VAL A 93 13.22 10.51 -11.31
N PHE A 94 13.50 9.47 -10.55
CA PHE A 94 13.40 9.49 -9.10
C PHE A 94 14.77 9.17 -8.45
N GLU A 95 14.92 9.57 -7.20
CA GLU A 95 15.97 9.05 -6.34
C GLU A 95 15.83 7.52 -6.39
N LEU A 96 16.96 6.84 -6.31
CA LEU A 96 16.94 5.38 -6.29
C LEU A 96 16.65 4.87 -4.86
N LEU A 97 15.53 4.21 -4.70
CA LEU A 97 15.20 3.48 -3.48
C LEU A 97 15.67 2.04 -3.60
N GLY A 98 15.51 1.31 -2.49
CA GLY A 98 15.77 -0.13 -2.40
C GLY A 98 14.52 -0.92 -2.67
N LEU A 99 14.46 -2.16 -2.16
CA LEU A 99 13.34 -3.04 -2.51
C LEU A 99 12.05 -2.55 -1.95
N SER A 100 10.95 -2.90 -2.60
CA SER A 100 9.66 -2.76 -1.99
C SER A 100 9.55 -3.63 -0.70
N THR A 101 8.65 -3.26 0.21
CA THR A 101 8.38 -4.09 1.36
C THR A 101 7.89 -5.49 0.93
N TYR A 102 7.07 -5.54 -0.10
CA TYR A 102 6.68 -6.80 -0.69
C TYR A 102 7.87 -7.65 -1.13
N ASP A 103 8.76 -7.09 -1.92
CA ASP A 103 9.91 -7.88 -2.39
C ASP A 103 10.80 -8.31 -1.26
N PHE A 104 10.91 -7.50 -0.21
CA PHE A 104 11.75 -7.89 0.93
C PHE A 104 11.14 -9.08 1.64
N ILE A 105 9.86 -9.01 1.93
CA ILE A 105 9.21 -10.11 2.60
C ILE A 105 9.35 -11.39 1.73
N LYS A 106 9.07 -11.26 0.44
CA LYS A 106 9.17 -12.40 -0.48
C LYS A 106 10.55 -13.02 -0.45
N GLU A 107 11.57 -12.20 -0.56
CA GLU A 107 12.97 -12.68 -0.51
C GLU A 107 13.37 -13.36 0.81
N ASN A 108 12.69 -13.01 1.90
CA ASN A 108 12.92 -13.58 3.22
C ASN A 108 12.02 -14.78 3.47
N GLY A 109 11.36 -15.34 2.45
CA GLY A 109 10.53 -16.50 2.62
C GLY A 109 9.20 -16.26 3.27
N PHE A 110 8.67 -15.02 3.13
CA PHE A 110 7.36 -14.67 3.66
C PHE A 110 7.34 -14.69 5.22
N LEU A 111 8.52 -14.55 5.80
CA LEU A 111 8.65 -14.38 7.23
C LEU A 111 8.20 -12.96 7.51
N PRO A 112 7.32 -12.80 8.49
CA PRO A 112 6.83 -11.45 8.80
C PRO A 112 7.89 -10.54 9.38
N PHE A 113 7.61 -9.23 9.40
CA PHE A 113 8.51 -8.29 10.01
C PHE A 113 8.36 -8.36 11.55
N ARG A 114 9.46 -8.15 12.25
CA ARG A 114 9.39 -8.04 13.71
C ARG A 114 8.63 -6.80 14.09
N LEU A 115 7.93 -6.87 15.21
CA LEU A 115 7.03 -5.83 15.67
C LEU A 115 7.69 -4.47 15.83
N ASP A 116 8.98 -4.43 16.19
CA ASP A 116 9.67 -3.16 16.39
C ASP A 116 9.88 -2.41 15.06
N HIS A 117 10.34 -3.13 14.05
CA HIS A 117 10.33 -2.65 12.69
C HIS A 117 8.93 -2.28 12.19
N ILE A 118 7.91 -3.11 12.43
CA ILE A 118 6.52 -2.79 12.02
C ILE A 118 6.00 -1.44 12.60
N ARG A 119 6.36 -1.23 13.85
CA ARG A 119 6.06 0.06 14.50
C ARG A 119 6.66 1.23 13.75
N LYS A 120 7.93 1.17 13.37
CA LYS A 120 8.64 2.27 12.69
C LYS A 120 8.04 2.48 11.31
N MET A 121 7.79 1.38 10.61
CA MET A 121 7.21 1.42 9.26
C MET A 121 5.81 1.98 9.26
N ALA A 122 4.95 1.50 10.14
CA ALA A 122 3.59 1.95 10.22
C ALA A 122 3.58 3.43 10.50
N TYR A 123 4.45 3.86 11.39
CA TYR A 123 4.44 5.28 11.75
C TYR A 123 4.71 6.14 10.50
N GLN A 124 5.79 5.79 9.79
CA GLN A 124 6.26 6.46 8.59
C GLN A 124 5.23 6.43 7.49
N ILE A 125 4.60 5.29 7.28
CA ILE A 125 3.49 5.21 6.36
C ILE A 125 2.33 6.16 6.72
N CYS A 126 1.88 6.12 7.97
CA CYS A 126 0.81 6.99 8.44
C CYS A 126 1.21 8.47 8.30
N LYS A 127 2.43 8.79 8.64
CA LYS A 127 2.95 10.20 8.60
C LYS A 127 2.94 10.70 7.14
N SER A 128 3.39 9.85 6.24
CA SER A 128 3.44 10.17 4.82
C SER A 128 2.06 10.33 4.20
N VAL A 129 1.23 9.36 4.42
CA VAL A 129 -0.08 9.42 3.85
C VAL A 129 -0.89 10.58 4.54
N ASN A 130 -0.67 10.81 5.82
CA ASN A 130 -1.37 11.90 6.45
C ASN A 130 -1.01 13.27 5.82
N PHE A 131 0.26 13.43 5.42
CA PHE A 131 0.73 14.61 4.68
C PHE A 131 -0.13 14.76 3.42
N LEU A 132 -0.32 13.67 2.68
CA LEU A 132 -1.19 13.72 1.53
C LEU A 132 -2.60 14.16 1.91
N HIS A 133 -3.13 13.54 2.94
CA HIS A 133 -4.51 13.80 3.38
C HIS A 133 -4.67 15.29 3.79
N SER A 134 -3.62 15.84 4.39
CA SER A 134 -3.56 17.30 4.77
C SER A 134 -3.56 18.23 3.58
N ASN A 135 -3.26 17.72 2.37
CA ASN A 135 -3.11 18.50 1.17
C ASN A 135 -4.16 18.12 0.18
N LYS A 136 -5.27 17.63 0.72
CA LYS A 136 -6.47 17.36 -0.01
C LYS A 136 -6.26 16.27 -1.08
N LEU A 137 -5.43 15.28 -0.77
CA LEU A 137 -5.13 14.19 -1.69
C LEU A 137 -5.52 12.89 -0.98
N THR A 138 -5.93 11.92 -1.79
CA THR A 138 -6.02 10.52 -1.42
C THR A 138 -5.10 9.68 -2.38
N HIS A 139 -4.27 8.79 -1.83
CA HIS A 139 -3.39 7.97 -2.69
C HIS A 139 -4.20 6.98 -3.57
N THR A 140 -5.05 6.18 -2.93
CA THR A 140 -5.99 5.20 -3.48
C THR A 140 -5.43 3.81 -3.82
N ASP A 141 -4.13 3.75 -3.90
CA ASP A 141 -3.42 2.47 -4.23
C ASP A 141 -2.31 2.09 -3.32
N LEU A 142 -2.57 2.18 -2.03
CA LEU A 142 -1.60 1.76 -1.05
C LEU A 142 -1.58 0.23 -0.92
N LYS A 143 -0.37 -0.30 -0.94
CA LYS A 143 -0.04 -1.72 -0.91
C LYS A 143 1.45 -1.88 -0.67
N PRO A 144 1.92 -3.08 -0.23
CA PRO A 144 3.35 -3.27 0.08
C PRO A 144 4.23 -3.03 -1.07
N GLU A 145 3.71 -3.22 -2.29
CA GLU A 145 4.49 -2.91 -3.48
C GLU A 145 4.82 -1.43 -3.67
N ASN A 146 3.98 -0.54 -3.09
CA ASN A 146 4.18 0.91 -3.16
C ASN A 146 4.78 1.56 -1.88
N ILE A 147 5.32 0.73 -1.00
CA ILE A 147 6.13 1.16 0.18
C ILE A 147 7.50 0.59 -0.08
N LEU A 148 8.53 1.45 -0.22
CA LEU A 148 9.87 1.00 -0.54
C LEU A 148 10.81 1.40 0.55
N PHE A 149 11.75 0.49 0.84
CA PHE A 149 12.90 0.83 1.70
C PHE A 149 13.84 1.81 1.02
N VAL A 150 14.30 2.78 1.79
CA VAL A 150 15.33 3.73 1.41
C VAL A 150 16.63 2.98 1.15
N GLN A 151 16.94 2.02 2.02
CA GLN A 151 18.12 1.16 1.81
C GLN A 151 17.64 -0.20 2.28
N SER A 152 17.82 -1.23 1.46
CA SER A 152 17.35 -2.59 1.85
C SER A 152 18.47 -3.58 2.31
N ASP A 153 19.64 -3.01 2.65
CA ASP A 153 20.78 -3.72 3.26
C ASP A 153 20.33 -4.42 4.54
N TYR A 154 20.88 -5.60 4.79
CA TYR A 154 20.42 -6.42 5.92
C TYR A 154 21.61 -7.15 6.54
N THR A 155 21.50 -7.41 7.83
CA THR A 155 22.36 -8.36 8.49
C THR A 155 21.56 -9.65 8.56
N GLU A 156 22.30 -10.73 8.74
CA GLU A 156 21.72 -12.05 8.81
C GLU A 156 22.21 -12.80 10.07
N ALA A 157 21.33 -13.64 10.60
CA ALA A 157 21.66 -14.45 11.77
C ALA A 157 20.73 -15.63 11.77
N TYR A 158 21.20 -16.71 12.37
CA TYR A 158 20.41 -17.91 12.55
C TYR A 158 19.37 -17.66 13.67
N ASN A 159 18.10 -18.01 13.42
CA ASN A 159 16.99 -17.92 14.38
C ASN A 159 16.67 -19.37 14.74
N PRO A 160 16.99 -19.80 15.99
CA PRO A 160 16.73 -21.21 16.43
C PRO A 160 15.26 -21.62 16.46
N LYS A 161 14.39 -20.68 16.85
CA LYS A 161 12.91 -20.88 16.83
C LYS A 161 12.46 -21.57 15.53
N ILE A 162 12.75 -20.91 14.42
CA ILE A 162 12.35 -21.35 13.09
C ILE A 162 13.43 -22.20 12.43
N LYS A 163 14.63 -22.16 12.97
CA LYS A 163 15.73 -23.05 12.59
C LYS A 163 16.28 -22.80 11.14
N ARG A 164 16.27 -21.52 10.76
CA ARG A 164 16.79 -21.05 9.48
C ARG A 164 17.36 -19.63 9.64
N ASP A 165 18.20 -19.23 8.69
CA ASP A 165 18.71 -17.87 8.63
C ASP A 165 17.59 -16.89 8.30
N GLU A 166 17.61 -15.72 8.94
CA GLU A 166 16.71 -14.63 8.61
C GLU A 166 17.42 -13.28 8.46
N ARG A 167 16.80 -12.44 7.65
CA ARG A 167 17.34 -11.16 7.29
C ARG A 167 16.67 -10.10 8.12
N THR A 168 17.51 -9.23 8.70
CA THR A 168 17.06 -8.06 9.41
C THR A 168 17.62 -6.78 8.78
N LEU A 169 16.74 -5.84 8.46
CA LEU A 169 17.18 -4.58 7.87
C LEU A 169 18.11 -3.83 8.81
N ILE A 170 19.17 -3.30 8.25
CA ILE A 170 19.99 -2.33 8.98
C ILE A 170 19.15 -1.08 9.34
N ASN A 171 18.53 -0.47 8.32
CA ASN A 171 17.73 0.74 8.46
C ASN A 171 16.36 0.43 7.79
N PRO A 172 15.27 0.44 8.56
CA PRO A 172 13.94 0.16 8.04
C PRO A 172 13.16 1.35 7.51
N ASP A 173 13.82 2.48 7.26
CA ASP A 173 13.11 3.68 6.81
C ASP A 173 12.45 3.35 5.45
N ILE A 174 11.27 3.89 5.24
CA ILE A 174 10.54 3.70 3.98
C ILE A 174 10.19 5.02 3.29
N LYS A 175 9.74 4.91 2.03
CA LYS A 175 9.08 6.03 1.35
C LYS A 175 7.87 5.46 0.62
N VAL A 176 6.92 6.32 0.32
CA VAL A 176 5.71 5.97 -0.41
C VAL A 176 5.91 6.41 -1.89
N VAL A 177 5.54 5.51 -2.81
CA VAL A 177 5.71 5.75 -4.22
C VAL A 177 4.35 5.58 -4.88
N ASP A 178 4.32 5.94 -6.18
CA ASP A 178 3.19 5.77 -7.12
C ASP A 178 2.01 6.71 -6.89
N PHE A 179 2.13 7.91 -7.43
CA PHE A 179 1.09 8.94 -7.26
C PHE A 179 0.22 9.07 -8.53
N GLY A 180 0.31 8.04 -9.38
CA GLY A 180 -0.49 7.98 -10.60
C GLY A 180 -1.98 7.88 -10.44
N SER A 181 -2.46 7.41 -9.30
CA SER A 181 -3.88 7.28 -9.06
C SER A 181 -4.32 8.31 -8.02
N ALA A 182 -3.38 9.07 -7.51
CA ALA A 182 -3.68 9.97 -6.41
C ALA A 182 -4.71 11.02 -6.88
N THR A 183 -5.65 11.38 -6.00
CA THR A 183 -6.86 12.14 -6.42
C THR A 183 -7.05 13.26 -5.44
N TYR A 184 -7.13 14.47 -5.98
CA TYR A 184 -7.48 15.65 -5.17
C TYR A 184 -8.97 15.63 -4.84
N ASP A 185 -9.31 16.27 -3.71
CA ASP A 185 -10.70 16.30 -3.22
C ASP A 185 -11.65 16.79 -4.29
N ASP A 186 -11.24 17.82 -5.06
CA ASP A 186 -12.11 18.45 -6.07
C ASP A 186 -12.15 17.76 -7.46
N GLU A 187 -11.32 16.73 -7.68
CA GLU A 187 -11.25 16.05 -8.95
C GLU A 187 -12.21 14.87 -9.05
N HIS A 188 -12.37 14.39 -10.28
CA HIS A 188 -13.11 13.16 -10.54
C HIS A 188 -12.51 12.01 -9.72
N HIS A 189 -13.39 11.29 -9.06
CA HIS A 189 -13.08 10.10 -8.28
C HIS A 189 -13.44 8.86 -9.10
N SER A 190 -12.45 8.06 -9.49
CA SER A 190 -12.74 6.82 -10.18
C SER A 190 -13.74 5.93 -9.41
N THR A 191 -14.51 5.18 -10.17
CA THR A 191 -15.46 4.21 -9.59
C THR A 191 -14.81 3.15 -8.72
N LEU A 192 -13.77 2.52 -9.27
CA LEU A 192 -13.00 1.49 -8.59
C LEU A 192 -11.57 1.92 -8.36
N VAL A 193 -11.13 1.89 -7.11
CA VAL A 193 -9.76 2.16 -6.75
C VAL A 193 -9.17 1.03 -5.94
N SER A 194 -7.85 1.09 -5.74
CA SER A 194 -7.08 0.16 -4.92
C SER A 194 -6.87 -1.17 -5.61
N THR A 195 -5.87 -1.89 -5.14
CA THR A 195 -5.66 -3.27 -5.54
C THR A 195 -6.51 -4.15 -4.59
N ARG A 196 -7.12 -5.21 -5.12
CA ARG A 196 -8.23 -5.85 -4.42
C ARG A 196 -8.02 -6.16 -2.95
N HIS A 197 -6.90 -6.78 -2.61
CA HIS A 197 -6.74 -7.21 -1.21
C HIS A 197 -6.62 -6.04 -0.21
N TYR A 198 -6.42 -4.84 -0.71
CA TYR A 198 -6.27 -3.60 0.08
C TYR A 198 -7.45 -2.64 -0.10
N ARG A 199 -8.52 -3.12 -0.73
CA ARG A 199 -9.63 -2.30 -1.14
C ARG A 199 -10.69 -2.17 -0.08
N ALA A 200 -11.14 -0.95 0.19
CA ALA A 200 -12.11 -0.71 1.28
C ALA A 200 -13.52 -1.07 0.90
N PRO A 201 -14.38 -1.40 1.91
CA PRO A 201 -15.75 -1.82 1.59
C PRO A 201 -16.63 -0.82 0.91
N GLU A 202 -16.41 0.45 1.22
CA GLU A 202 -17.10 1.52 0.49
C GLU A 202 -16.80 1.53 -1.00
N VAL A 203 -15.60 1.11 -1.35
CA VAL A 203 -15.22 1.00 -2.76
C VAL A 203 -15.90 -0.19 -3.38
N ILE A 204 -15.83 -1.33 -2.69
CA ILE A 204 -16.46 -2.56 -3.20
C ILE A 204 -17.97 -2.36 -3.42
N LEU A 205 -18.62 -1.61 -2.51
CA LEU A 205 -20.06 -1.36 -2.55
C LEU A 205 -20.47 -0.10 -3.35
N ALA A 206 -19.50 0.58 -3.97
CA ALA A 206 -19.73 1.71 -4.84
C ALA A 206 -20.52 2.82 -4.11
N LEU A 207 -20.13 3.09 -2.89
CA LEU A 207 -20.76 4.14 -2.06
C LEU A 207 -20.11 5.53 -2.17
N GLY A 208 -19.02 5.64 -2.92
CA GLY A 208 -18.15 6.80 -2.85
C GLY A 208 -17.04 6.64 -1.85
N TRP A 209 -15.91 7.29 -2.10
CA TRP A 209 -14.76 7.21 -1.21
C TRP A 209 -14.06 8.56 -1.06
N SER A 210 -13.15 8.63 -0.10
CA SER A 210 -12.22 9.75 0.14
C SER A 210 -11.06 9.24 0.95
N GLN A 211 -10.44 10.10 1.76
CA GLN A 211 -9.23 9.76 2.48
C GLN A 211 -9.37 8.45 3.27
N PRO A 212 -10.54 8.18 3.87
CA PRO A 212 -10.58 6.96 4.69
C PRO A 212 -10.31 5.64 3.89
N CYS A 213 -10.52 5.60 2.58
CA CYS A 213 -10.11 4.34 1.84
C CYS A 213 -8.64 4.01 1.97
N ASP A 214 -7.79 5.02 2.13
CA ASP A 214 -6.36 4.84 2.35
C ASP A 214 -6.11 4.23 3.69
N VAL A 215 -6.90 4.62 4.69
CA VAL A 215 -6.70 4.11 6.03
C VAL A 215 -7.01 2.59 6.04
N TRP A 216 -8.05 2.18 5.39
CA TRP A 216 -8.39 0.77 5.29
C TRP A 216 -7.20 0.03 4.64
N SER A 217 -6.70 0.55 3.53
CA SER A 217 -5.52 -0.09 2.87
C SER A 217 -4.35 -0.24 3.80
N ILE A 218 -4.08 0.77 4.60
CA ILE A 218 -2.99 0.71 5.55
C ILE A 218 -3.23 -0.41 6.58
N GLY A 219 -4.44 -0.51 7.10
CA GLY A 219 -4.80 -1.57 8.05
C GLY A 219 -4.48 -2.96 7.45
N CYS A 220 -4.82 -3.10 6.19
CA CYS A 220 -4.53 -4.36 5.47
C CYS A 220 -3.05 -4.59 5.30
N ILE A 221 -2.28 -3.53 4.99
CA ILE A 221 -0.84 -3.64 4.88
C ILE A 221 -0.25 -4.10 6.23
N LEU A 222 -0.70 -3.48 7.32
CA LEU A 222 -0.12 -3.81 8.55
C LEU A 222 -0.36 -5.29 8.96
N ILE A 223 -1.56 -5.80 8.77
CA ILE A 223 -1.84 -7.23 8.96
C ILE A 223 -0.83 -8.08 8.18
N GLU A 224 -0.64 -7.72 6.90
CA GLU A 224 0.30 -8.50 6.10
C GLU A 224 1.73 -8.45 6.59
N TYR A 225 2.17 -7.29 7.07
CA TYR A 225 3.53 -7.20 7.58
C TYR A 225 3.68 -8.11 8.84
N TYR A 226 2.62 -8.20 9.61
CA TYR A 226 2.57 -8.93 10.87
C TYR A 226 2.50 -10.43 10.70
N LEU A 227 1.74 -10.86 9.68
CA LEU A 227 1.50 -12.28 9.39
C LEU A 227 2.40 -12.86 8.30
N GLY A 228 2.78 -12.03 7.33
CA GLY A 228 3.52 -12.46 6.15
C GLY A 228 2.56 -12.86 5.03
N PHE A 229 1.26 -12.73 5.25
CA PHE A 229 0.27 -13.10 4.24
C PHE A 229 -0.98 -12.28 4.39
N THR A 230 -1.77 -12.17 3.31
CA THR A 230 -3.07 -11.50 3.38
C THR A 230 -4.04 -12.32 4.15
N VAL A 231 -4.96 -11.65 4.84
CA VAL A 231 -6.13 -12.28 5.39
C VAL A 231 -7.29 -12.30 4.42
N PHE A 232 -7.09 -11.76 3.20
CA PHE A 232 -8.13 -11.76 2.16
C PHE A 232 -7.63 -12.48 0.87
N PRO A 233 -7.43 -13.81 0.94
CA PRO A 233 -6.85 -14.55 -0.24
C PRO A 233 -7.94 -14.84 -1.24
N THR A 234 -8.33 -13.80 -1.96
CA THR A 234 -9.53 -13.83 -2.80
C THR A 234 -9.34 -13.06 -4.10
N HIS A 235 -10.12 -13.41 -5.10
CA HIS A 235 -10.20 -12.66 -6.36
C HIS A 235 -11.61 -12.48 -6.77
N ASP A 236 -12.55 -12.50 -5.80
CA ASP A 236 -13.95 -12.36 -6.09
C ASP A 236 -14.56 -11.38 -5.04
N SER A 237 -15.32 -10.42 -5.53
CA SER A 237 -15.92 -9.37 -4.66
C SER A 237 -16.82 -9.91 -3.56
N LYS A 238 -17.77 -10.77 -3.91
CA LYS A 238 -18.71 -11.29 -2.91
C LYS A 238 -18.00 -12.10 -1.83
N GLU A 239 -17.07 -12.94 -2.27
CA GLU A 239 -16.21 -13.68 -1.35
C GLU A 239 -15.38 -12.79 -0.45
N HIS A 240 -14.84 -11.70 -1.03
CA HIS A 240 -14.10 -10.72 -0.28
C HIS A 240 -14.97 -10.18 0.89
N LEU A 241 -16.22 -9.85 0.62
CA LEU A 241 -17.12 -9.38 1.66
C LEU A 241 -17.44 -10.47 2.67
N ALA A 242 -17.60 -11.72 2.20
CA ALA A 242 -17.75 -12.86 3.16
C ALA A 242 -16.54 -12.97 4.08
N MET A 243 -15.34 -12.81 3.54
CA MET A 243 -14.13 -12.84 4.33
C MET A 243 -14.16 -11.68 5.40
N MET A 244 -14.58 -10.52 4.94
CA MET A 244 -14.67 -9.38 5.86
C MET A 244 -15.60 -9.75 7.01
N GLU A 245 -16.75 -10.32 6.69
CA GLU A 245 -17.71 -10.68 7.75
C GLU A 245 -17.21 -11.71 8.73
N ARG A 246 -16.50 -12.72 8.25
CA ARG A 246 -15.87 -13.64 9.16
C ARG A 246 -14.82 -13.01 10.05
N ILE A 247 -14.04 -12.05 9.52
CA ILE A 247 -12.90 -11.49 10.23
C ILE A 247 -13.35 -10.33 11.18
N LEU A 248 -14.31 -9.55 10.74
CA LEU A 248 -14.74 -8.29 11.38
C LEU A 248 -16.16 -8.24 11.84
N GLY A 249 -16.98 -9.22 11.51
CA GLY A 249 -18.41 -9.17 11.81
C GLY A 249 -19.29 -8.70 10.68
N PRO A 250 -20.61 -8.66 10.93
CA PRO A 250 -21.47 -8.33 9.86
C PRO A 250 -21.24 -6.89 9.36
N LEU A 251 -21.47 -6.69 8.09
CA LEU A 251 -21.48 -5.38 7.51
C LEU A 251 -22.62 -4.59 8.13
N PRO A 252 -22.39 -3.29 8.37
CA PRO A 252 -23.48 -2.41 8.81
C PRO A 252 -24.61 -2.36 7.85
N LYS A 253 -25.82 -2.41 8.41
CA LYS A 253 -27.05 -2.41 7.64
C LYS A 253 -27.19 -1.23 6.70
N HIS A 254 -26.78 -0.05 7.16
CA HIS A 254 -26.96 1.18 6.39
C HIS A 254 -26.15 1.17 5.11
N MET A 255 -24.96 0.58 5.15
CA MET A 255 -24.14 0.38 3.94
C MET A 255 -24.82 -0.60 3.00
N ILE A 256 -25.39 -1.69 3.54
CA ILE A 256 -26.09 -2.65 2.67
C ILE A 256 -27.33 -2.02 2.00
N GLN A 257 -28.05 -1.17 2.73
CA GLN A 257 -29.24 -0.53 2.15
C GLN A 257 -28.91 0.48 1.07
N LYS A 258 -27.79 1.16 1.20
CA LYS A 258 -27.36 2.19 0.29
C LYS A 258 -26.81 1.63 -1.04
N THR A 259 -26.12 0.50 -0.97
CA THR A 259 -25.43 -0.02 -2.15
C THR A 259 -26.39 -0.37 -3.25
N ARG A 260 -25.92 -0.18 -4.47
CA ARG A 260 -26.61 -0.76 -5.63
C ARG A 260 -26.02 -2.09 -6.12
N LYS A 261 -25.07 -2.66 -5.39
CA LYS A 261 -24.44 -3.96 -5.77
C LYS A 261 -25.31 -5.12 -5.30
N ARG A 262 -26.51 -5.21 -5.83
CA ARG A 262 -27.57 -6.01 -5.23
C ARG A 262 -27.32 -7.50 -5.42
N LYS A 263 -26.64 -7.86 -6.52
CA LYS A 263 -26.07 -9.18 -6.71
C LYS A 263 -25.41 -9.79 -5.48
N TYR A 264 -24.80 -8.98 -4.61
CA TYR A 264 -24.11 -9.52 -3.44
C TYR A 264 -25.02 -9.80 -2.28
N PHE A 265 -26.29 -9.38 -2.35
CA PHE A 265 -27.16 -9.38 -1.18
C PHE A 265 -28.44 -10.12 -1.42
N HIS A 266 -28.99 -10.66 -0.33
CA HIS A 266 -30.32 -11.29 -0.33
C HIS A 266 -31.02 -10.97 0.97
N HIS A 267 -32.28 -10.51 0.88
CA HIS A 267 -32.89 -9.75 1.98
C HIS A 267 -31.90 -8.63 2.33
N ASP A 268 -31.63 -8.30 3.58
CA ASP A 268 -30.62 -7.24 3.77
C ASP A 268 -29.37 -7.83 4.36
N ARG A 269 -28.93 -8.95 3.78
CA ARG A 269 -27.83 -9.75 4.28
C ARG A 269 -26.93 -10.26 3.13
N LEU A 270 -25.65 -10.48 3.42
CA LEU A 270 -24.75 -10.97 2.35
C LEU A 270 -25.27 -12.31 1.83
N ASP A 271 -25.47 -12.43 0.53
CA ASP A 271 -25.95 -13.69 -0.12
C ASP A 271 -24.85 -14.74 -0.19
N TRP A 272 -24.60 -15.38 0.95
CA TRP A 272 -23.46 -16.25 1.14
C TRP A 272 -23.93 -17.54 1.82
N ASP A 273 -23.68 -18.67 1.17
CA ASP A 273 -23.91 -20.03 1.72
C ASP A 273 -22.62 -20.57 2.38
N GLU A 274 -22.58 -20.57 3.71
CA GLU A 274 -21.42 -21.05 4.48
C GLU A 274 -21.08 -22.53 4.21
N HIS A 275 -22.07 -23.31 3.79
CA HIS A 275 -21.91 -24.75 3.52
C HIS A 275 -21.50 -25.08 2.09
N SER A 276 -21.39 -24.06 1.23
CA SER A 276 -20.81 -24.27 -0.10
C SER A 276 -19.32 -24.47 -0.03
N SER A 277 -18.75 -24.89 -1.17
CA SER A 277 -17.31 -25.06 -1.25
C SER A 277 -16.56 -23.75 -0.94
N ALA A 278 -17.03 -22.65 -1.52
CA ALA A 278 -16.43 -21.34 -1.21
C ALA A 278 -16.60 -20.95 0.26
N GLY A 279 -17.77 -21.24 0.81
CA GLY A 279 -18.02 -21.10 2.24
C GLY A 279 -17.05 -21.84 3.13
N ARG A 280 -16.78 -23.11 2.84
CA ARG A 280 -15.70 -23.85 3.54
C ARG A 280 -14.37 -23.22 3.40
N TYR A 281 -14.04 -22.77 2.19
CA TYR A 281 -12.75 -22.08 1.97
C TYR A 281 -12.62 -20.83 2.86
N VAL A 282 -13.66 -20.03 2.84
CA VAL A 282 -13.64 -18.82 3.73
C VAL A 282 -13.51 -19.22 5.20
N SER A 283 -14.37 -20.15 5.63
CA SER A 283 -14.35 -20.64 7.01
C SER A 283 -12.99 -21.18 7.43
N ARG A 284 -12.31 -21.89 6.53
CA ARG A 284 -10.94 -22.37 6.77
C ARG A 284 -9.84 -21.31 6.87
N ARG A 285 -9.85 -20.31 6.00
CA ARG A 285 -8.73 -19.40 5.87
C ARG A 285 -8.93 -18.08 6.70
N CYS A 286 -10.15 -17.80 7.12
CA CYS A 286 -10.55 -16.54 7.76
C CYS A 286 -11.21 -16.82 9.10
N LYS A 287 -10.93 -15.94 10.05
CA LYS A 287 -11.41 -16.08 11.41
C LYS A 287 -11.36 -14.70 12.04
N PRO A 288 -12.06 -14.52 13.19
CA PRO A 288 -12.06 -13.20 13.85
C PRO A 288 -10.67 -12.65 14.00
N LEU A 289 -10.54 -11.33 13.73
CA LEU A 289 -9.27 -10.65 13.66
C LEU A 289 -8.33 -10.93 14.78
N LYS A 290 -8.81 -10.86 16.02
CA LYS A 290 -7.85 -10.99 17.17
C LYS A 290 -7.27 -12.41 17.31
N GLU A 291 -7.93 -13.39 16.69
CA GLU A 291 -7.37 -14.74 16.61
C GLU A 291 -6.12 -14.87 15.78
N PHE A 292 -5.79 -13.86 14.94
CA PHE A 292 -4.51 -13.86 14.23
C PHE A 292 -3.35 -13.43 15.05
N MET A 293 -3.59 -12.93 16.24
CA MET A 293 -2.48 -12.43 17.04
C MET A 293 -1.59 -13.56 17.40
N LEU A 294 -0.30 -13.29 17.35
CA LEU A 294 0.71 -14.25 17.65
C LEU A 294 1.14 -14.22 19.15
N SER A 295 0.86 -13.12 19.87
CA SER A 295 1.16 -12.98 21.32
C SER A 295 0.02 -12.18 21.94
N GLN A 296 -0.14 -12.29 23.26
CA GLN A 296 -1.12 -11.49 24.02
C GLN A 296 -0.48 -10.30 24.76
N ASP A 297 0.83 -10.12 24.66
CA ASP A 297 1.45 -9.00 25.34
C ASP A 297 0.88 -7.72 24.79
N VAL A 298 0.94 -6.68 25.62
CA VAL A 298 0.21 -5.44 25.41
C VAL A 298 0.53 -4.71 24.05
N GLU A 299 1.79 -4.74 23.62
CA GLU A 299 2.30 -4.18 22.34
C GLU A 299 1.50 -4.77 21.18
N HIS A 300 1.31 -6.11 21.21
CA HIS A 300 0.52 -6.80 20.18
C HIS A 300 -0.96 -6.40 20.31
N GLU A 301 -1.55 -6.33 21.51
CA GLU A 301 -2.91 -5.86 21.67
C GLU A 301 -3.11 -4.44 21.09
N ARG A 302 -2.10 -3.60 21.21
CA ARG A 302 -2.27 -2.24 20.80
C ARG A 302 -2.19 -2.10 19.27
N LEU A 303 -1.25 -2.83 18.67
CA LEU A 303 -1.24 -2.98 17.18
C LEU A 303 -2.60 -3.40 16.71
N PHE A 304 -3.17 -4.47 17.31
CA PHE A 304 -4.45 -4.94 16.87
C PHE A 304 -5.59 -4.03 17.16
N ASP A 305 -5.49 -3.22 18.24
CA ASP A 305 -6.48 -2.19 18.45
C ASP A 305 -6.50 -1.09 17.30
N LEU A 306 -5.34 -0.68 16.91
CA LEU A 306 -5.16 0.25 15.76
C LEU A 306 -5.66 -0.36 14.45
N ILE A 307 -5.23 -1.60 14.20
CA ILE A 307 -5.69 -2.32 13.01
C ILE A 307 -7.17 -2.39 12.96
N GLN A 308 -7.86 -2.74 14.08
CA GLN A 308 -9.28 -2.83 14.06
C GLN A 308 -9.92 -1.49 13.81
N LYS A 309 -9.32 -0.44 14.35
CA LYS A 309 -9.78 0.93 14.13
C LYS A 309 -9.66 1.38 12.65
N MET A 310 -8.57 0.97 12.00
CA MET A 310 -8.37 1.19 10.53
C MET A 310 -9.34 0.33 9.69
N LEU A 311 -9.71 -0.84 10.20
CA LEU A 311 -10.68 -1.69 9.51
C LEU A 311 -12.10 -1.59 9.98
N GLU A 312 -12.44 -0.41 10.45
CA GLU A 312 -13.81 -0.08 10.71
C GLU A 312 -14.57 -0.02 9.38
N TYR A 313 -15.70 -0.69 9.29
CA TYR A 313 -16.49 -0.68 8.08
C TYR A 313 -16.99 0.69 7.55
N ASP A 314 -17.51 1.51 8.46
CA ASP A 314 -18.07 2.81 8.09
C ASP A 314 -16.98 3.84 7.95
N PRO A 315 -16.75 4.36 6.72
CA PRO A 315 -15.59 5.26 6.57
C PRO A 315 -15.68 6.56 7.45
N ALA A 316 -16.91 6.94 7.82
CA ALA A 316 -17.14 8.09 8.71
C ALA A 316 -16.76 7.78 10.12
N LYS A 317 -16.80 6.50 10.51
CA LYS A 317 -16.31 6.12 11.82
C LYS A 317 -14.87 5.76 11.89
N ARG A 318 -14.22 5.52 10.74
CA ARG A 318 -12.87 4.95 10.78
C ARG A 318 -11.89 5.92 11.39
N ILE A 319 -10.85 5.43 12.03
CA ILE A 319 -9.80 6.24 12.55
C ILE A 319 -9.12 7.07 11.41
N THR A 320 -8.84 8.34 11.65
CA THR A 320 -8.12 9.17 10.67
C THR A 320 -6.69 8.99 10.96
N LEU A 321 -5.82 9.30 9.97
CA LEU A 321 -4.42 9.12 10.19
C LEU A 321 -3.88 10.11 11.23
N ARG A 322 -4.45 11.29 11.33
CA ARG A 322 -3.97 12.24 12.37
C ARG A 322 -4.16 11.60 13.77
N GLU A 323 -5.30 10.94 13.93
CA GLU A 323 -5.67 10.17 15.16
C GLU A 323 -4.76 8.97 15.30
N ALA A 324 -4.50 8.24 14.20
CA ALA A 324 -3.53 7.15 14.30
C ALA A 324 -2.17 7.48 14.76
N LEU A 325 -1.63 8.64 14.34
CA LEU A 325 -0.29 8.97 14.69
C LEU A 325 -0.11 9.18 16.22
N LYS A 326 -1.19 9.37 16.92
CA LYS A 326 -1.14 9.53 18.41
C LYS A 326 -1.47 8.24 19.16
N HIS A 327 -1.64 7.12 18.46
CA HIS A 327 -2.02 5.84 19.07
C HIS A 327 -0.91 5.34 19.92
N PRO A 328 -1.23 4.72 21.08
CA PRO A 328 -0.20 4.22 21.99
C PRO A 328 0.72 3.18 21.44
N PHE A 329 0.23 2.42 20.45
CA PHE A 329 1.12 1.57 19.66
C PHE A 329 2.38 2.31 19.29
N PHE A 330 2.29 3.61 18.97
CA PHE A 330 3.51 4.42 18.65
C PHE A 330 4.39 5.09 19.75
N ASP A 331 4.08 4.92 21.05
CA ASP A 331 4.97 5.52 22.10
C ASP A 331 6.40 5.05 22.21
N LEU A 332 6.63 3.76 22.03
CA LEU A 332 8.01 3.24 22.08
C LEU A 332 8.94 3.88 21.08
N LEU A 333 8.39 4.64 20.12
CA LEU A 333 9.21 5.44 19.23
C LEU A 333 9.73 6.71 19.87
N LYS A 334 8.94 7.31 20.79
CA LYS A 334 9.37 8.44 21.62
C LYS A 334 10.03 7.96 22.89
#